data_6VA2
#
_entry.id   6VA2
#
loop_
_entity.id
_entity.type
_entity.pdbx_description
1 polymer "RNA (5'-R(*CP*CP*GP*GP*CP*AP*GP*UP*GP*UP*G)-3')"
2 polymer "RNA (5'-R(*CP*AP*CP*AP*CP*GP*UP*CP*GP*G)-3')"
3 non-polymer "(2E,2'E)-2,2'-{dibenzo[b,d]thiene-2,8-diyldi[(1E)eth-1-yl-1-ylidene]}bis(N-methylhydrazine-1-carboximidamide)"
#
loop_
_entity_poly.entity_id
_entity_poly.type
_entity_poly.pdbx_seq_one_letter_code
_entity_poly.pdbx_strand_id
1 'polyribonucleotide' CCGGCAGUGUG A
2 'polyribonucleotide' CACACGUCGG B
#